data_5DJN
#
_entry.id   5DJN
#
_cell.length_a   158.620
_cell.length_b   158.620
_cell.length_c   82.520
_cell.angle_alpha   90.000
_cell.angle_beta   90.000
_cell.angle_gamma   120.000
#
_symmetry.space_group_name_H-M   'H 3 2'
#
loop_
_entity.id
_entity.type
_entity.pdbx_description
1 polymer 'Kinesin-like protein'
2 water water
#
_entity_poly.entity_id   1
_entity_poly.type   'polypeptide(L)'
_entity_poly.pdbx_seq_one_letter_code
;GPGSHAVVNEDPNAKVIRELREEVEKLREQLSQAEAMKAELKEKLEESEKLIKELTVTWEEKLRKTEAIAQERQRQLESM
GISLETSGIKVGDD
;
_entity_poly.pdbx_strand_id   A,C
#
# COMPACT_ATOMS: atom_id res chain seq x y z
N PRO A 12 -29.02 -29.79 -40.50
CA PRO A 12 -29.81 -28.92 -41.37
C PRO A 12 -29.05 -27.69 -41.81
N ASN A 13 -29.77 -26.60 -42.03
CA ASN A 13 -29.15 -25.29 -42.24
C ASN A 13 -29.28 -24.47 -40.96
N ALA A 14 -30.08 -24.98 -40.03
CA ALA A 14 -30.25 -24.35 -38.73
C ALA A 14 -29.22 -24.87 -37.72
N LYS A 15 -28.11 -25.37 -38.23
CA LYS A 15 -26.94 -25.71 -37.41
C LYS A 15 -25.88 -24.64 -37.66
N VAL A 16 -26.35 -23.43 -37.90
CA VAL A 16 -25.52 -22.26 -37.72
C VAL A 16 -25.63 -21.89 -36.24
N ILE A 17 -26.69 -22.43 -35.61
CA ILE A 17 -26.94 -22.28 -34.19
C ILE A 17 -25.79 -22.81 -33.34
N ARG A 18 -25.37 -24.02 -33.67
CA ARG A 18 -24.34 -24.74 -32.94
C ARG A 18 -23.09 -23.91 -32.82
N GLU A 19 -22.71 -23.27 -33.92
CA GLU A 19 -21.47 -22.50 -33.98
C GLU A 19 -21.62 -21.15 -33.26
N LEU A 20 -22.85 -20.67 -33.18
CA LEU A 20 -23.15 -19.46 -32.42
C LEU A 20 -23.04 -19.72 -30.92
N ARG A 21 -23.55 -20.85 -30.44
CA ARG A 21 -23.41 -21.08 -29.02
C ARG A 21 -22.01 -21.60 -28.68
N GLU A 22 -21.32 -22.14 -29.68
CA GLU A 22 -19.88 -22.42 -29.56
C GLU A 22 -19.16 -21.09 -29.29
N GLU A 23 -19.55 -20.07 -30.06
CA GLU A 23 -19.02 -18.73 -29.87
C GLU A 23 -19.35 -18.19 -28.47
N VAL A 24 -20.61 -18.36 -28.07
CA VAL A 24 -21.06 -17.95 -26.73
C VAL A 24 -20.20 -18.58 -25.64
N GLU A 25 -19.86 -19.86 -25.79
CA GLU A 25 -19.06 -20.56 -24.78
C GLU A 25 -17.63 -20.03 -24.69
N LYS A 26 -17.01 -19.83 -25.86
CA LYS A 26 -15.70 -19.19 -25.90
C LYS A 26 -15.74 -17.85 -25.16
N LEU A 27 -16.75 -17.04 -25.48
CA LEU A 27 -16.85 -15.69 -24.91
C LEU A 27 -17.08 -15.73 -23.40
N ARG A 28 -17.91 -16.65 -22.96
CA ARG A 28 -18.20 -16.76 -21.54
C ARG A 28 -16.95 -17.12 -20.77
N GLU A 29 -16.11 -17.95 -21.37
CA GLU A 29 -14.89 -18.34 -20.70
C GLU A 29 -13.87 -17.18 -20.67
N GLN A 30 -13.77 -16.46 -21.79
CA GLN A 30 -12.91 -15.28 -21.81
C GLN A 30 -13.34 -14.25 -20.76
N LEU A 31 -14.65 -14.04 -20.66
CA LEU A 31 -15.23 -13.13 -19.68
C LEU A 31 -14.98 -13.59 -18.25
N SER A 32 -15.11 -14.89 -18.01
CA SER A 32 -14.92 -15.47 -16.69
C SER A 32 -13.47 -15.24 -16.24
N GLN A 33 -12.51 -15.45 -17.14
CA GLN A 33 -11.11 -15.23 -16.79
C GLN A 33 -10.80 -13.76 -16.57
N ALA A 34 -11.36 -12.90 -17.42
CA ALA A 34 -11.13 -11.47 -17.25
C ALA A 34 -11.69 -10.99 -15.91
N GLU A 35 -12.91 -11.40 -15.58
CA GLU A 35 -13.57 -11.01 -14.34
C GLU A 35 -12.79 -11.52 -13.14
N ALA A 36 -12.17 -12.69 -13.31
CA ALA A 36 -11.30 -13.23 -12.28
C ALA A 36 -10.04 -12.36 -12.08
N MET A 37 -9.40 -11.98 -13.18
CA MET A 37 -8.21 -11.14 -13.10
C MET A 37 -8.54 -9.78 -12.51
N LYS A 38 -9.73 -9.28 -12.85
CA LYS A 38 -10.23 -8.02 -12.31
C LYS A 38 -10.46 -8.15 -10.81
N ALA A 39 -11.06 -9.24 -10.39
CA ALA A 39 -11.29 -9.49 -8.97
C ALA A 39 -9.95 -9.51 -8.21
N GLU A 40 -8.95 -10.13 -8.84
CA GLU A 40 -7.64 -10.26 -8.24
C GLU A 40 -6.98 -8.89 -8.08
N LEU A 41 -7.11 -8.06 -9.11
CA LEU A 41 -6.57 -6.69 -9.05
C LEU A 41 -7.28 -5.86 -7.99
N LYS A 42 -8.59 -6.03 -7.90
CA LYS A 42 -9.38 -5.33 -6.90
C LYS A 42 -8.86 -5.70 -5.51
N GLU A 43 -8.54 -6.97 -5.33
CA GLU A 43 -8.06 -7.42 -4.04
C GLU A 43 -6.67 -6.85 -3.74
N LYS A 44 -5.76 -6.93 -4.72
CA LYS A 44 -4.42 -6.39 -4.52
C LYS A 44 -4.49 -4.90 -4.20
N LEU A 45 -5.45 -4.21 -4.81
CA LEU A 45 -5.61 -2.78 -4.57
C LEU A 45 -6.06 -2.55 -3.12
N GLU A 46 -7.06 -3.31 -2.69
CA GLU A 46 -7.54 -3.15 -1.32
C GLU A 46 -6.41 -3.43 -0.31
N GLU A 47 -5.65 -4.48 -0.57
CA GLU A 47 -4.49 -4.84 0.25
C GLU A 47 -3.50 -3.67 0.34
N SER A 48 -3.25 -3.06 -0.80
CA SER A 48 -2.38 -1.88 -0.87
C SER A 48 -2.86 -0.71 0.01
N GLU A 49 -4.15 -0.42 -0.03
CA GLU A 49 -4.71 0.68 0.78
C GLU A 49 -4.68 0.38 2.30
N LYS A 50 -4.97 -0.87 2.64
CA LYS A 50 -4.92 -1.35 3.99
C LYS A 50 -3.49 -1.17 4.48
N LEU A 51 -2.55 -1.53 3.61
CA LEU A 51 -1.13 -1.44 3.91
C LEU A 51 -0.68 -0.02 4.16
N ILE A 52 -1.16 0.92 3.37
CA ILE A 52 -0.81 2.31 3.62
C ILE A 52 -1.25 2.71 5.01
N LYS A 53 -2.48 2.34 5.39
CA LYS A 53 -2.97 2.64 6.75
C LYS A 53 -2.08 2.02 7.86
N GLU A 54 -1.70 0.75 7.67
CA GLU A 54 -0.84 0.07 8.62
C GLU A 54 0.53 0.75 8.78
N LEU A 55 1.19 1.03 7.66
CA LEU A 55 2.48 1.71 7.67
C LEU A 55 2.39 2.97 8.48
N THR A 56 1.35 3.73 8.20
CA THR A 56 1.20 4.99 8.89
C THR A 56 1.15 4.74 10.40
N VAL A 57 0.40 3.71 10.81
CA VAL A 57 0.32 3.38 12.23
C VAL A 57 1.64 2.91 12.86
N THR A 58 2.30 1.93 12.27
CA THR A 58 3.55 1.39 12.83
C THR A 58 4.68 2.41 12.82
N TRP A 59 4.79 3.20 11.75
CA TRP A 59 5.82 4.21 11.69
C TRP A 59 5.54 5.24 12.76
N GLU A 60 4.30 5.72 12.82
CA GLU A 60 3.99 6.70 13.86
C GLU A 60 4.40 6.15 15.24
N GLU A 61 4.17 4.87 15.47
CA GLU A 61 4.47 4.30 16.77
C GLU A 61 6.00 4.27 17.02
N LYS A 62 6.74 3.95 15.96
CA LYS A 62 8.19 3.84 16.05
C LYS A 62 8.72 5.21 16.42
N LEU A 63 8.14 6.20 15.76
CA LEU A 63 8.55 7.55 16.02
C LEU A 63 8.20 8.00 17.41
N ARG A 64 7.03 7.61 17.89
CA ARG A 64 6.62 7.98 19.22
C ARG A 64 7.64 7.46 20.23
N LYS A 65 8.12 6.23 20.00
CA LYS A 65 9.05 5.64 20.93
C LYS A 65 10.38 6.39 20.88
N THR A 66 10.82 6.68 19.65
CA THR A 66 12.12 7.34 19.43
C THR A 66 12.12 8.74 20.02
N GLU A 67 11.06 9.49 19.74
CA GLU A 67 10.89 10.82 20.31
C GLU A 67 10.86 10.78 21.83
N ALA A 68 10.15 9.81 22.38
CA ALA A 68 10.14 9.65 23.84
C ALA A 68 11.59 9.54 24.38
N ILE A 69 12.43 8.77 23.70
CA ILE A 69 13.82 8.62 24.13
C ILE A 69 14.63 9.92 24.03
N ALA A 70 14.58 10.53 22.83
CA ALA A 70 15.11 11.87 22.63
C ALA A 70 14.77 12.83 23.79
N GLN A 71 13.49 12.82 24.18
CA GLN A 71 12.99 13.76 25.14
C GLN A 71 13.45 13.43 26.56
N GLU A 72 13.37 12.15 26.92
CA GLU A 72 13.95 11.68 28.17
C GLU A 72 15.41 12.17 28.32
N ARG A 73 16.19 11.99 27.25
CA ARG A 73 17.56 12.45 27.26
C ARG A 73 17.65 13.97 27.43
N GLN A 74 16.73 14.69 26.79
CA GLN A 74 16.68 16.13 26.95
C GLN A 74 16.46 16.51 28.42
N ARG A 75 15.50 15.87 29.07
CA ARG A 75 15.20 16.13 30.47
C ARG A 75 16.40 15.82 31.35
N GLN A 76 17.16 14.78 31.00
CA GLN A 76 18.38 14.49 31.73
C GLN A 76 19.35 15.67 31.65
N LEU A 77 19.57 16.15 30.42
CA LEU A 77 20.48 17.29 30.21
C LEU A 77 19.99 18.57 30.96
N GLU A 78 18.68 18.81 30.98
CA GLU A 78 18.13 19.96 31.72
C GLU A 78 18.34 19.79 33.22
N SER A 79 18.18 18.57 33.71
CA SER A 79 18.41 18.25 35.11
C SER A 79 19.88 18.50 35.51
N MET A 80 20.81 18.16 34.62
CA MET A 80 22.23 18.45 34.88
C MET A 80 22.52 19.93 34.78
N GLY A 81 21.77 20.64 33.94
CA GLY A 81 21.91 22.07 33.85
C GLY A 81 21.57 22.73 35.17
N ILE A 82 20.41 22.34 35.71
CA ILE A 82 20.00 22.76 37.04
C ILE A 82 21.07 22.41 38.09
N SER A 83 21.61 21.19 38.03
CA SER A 83 22.61 20.78 39.01
C SER A 83 23.92 21.58 38.89
N LEU A 84 24.17 22.12 37.70
CA LEU A 84 25.38 22.87 37.43
C LEU A 84 25.24 24.32 37.87
N GLU A 85 24.04 24.87 37.70
CA GLU A 85 23.75 26.22 38.18
C GLU A 85 23.78 26.25 39.70
N THR A 86 23.24 25.22 40.33
CA THR A 86 23.27 25.09 41.79
C THR A 86 24.66 24.66 42.28
N SER A 87 25.69 25.08 41.55
CA SER A 87 27.08 24.90 41.95
C SER A 87 27.86 26.13 41.47
N GLY A 88 28.84 25.91 40.59
CA GLY A 88 29.62 27.00 40.00
C GLY A 88 29.60 26.98 38.48
N GLU B 10 -38.08 -21.87 -39.31
CA GLU B 10 -37.20 -20.71 -39.29
C GLU B 10 -37.97 -19.44 -38.91
N ASP B 11 -38.87 -19.57 -37.93
CA ASP B 11 -39.66 -18.44 -37.42
C ASP B 11 -39.71 -18.43 -35.89
N PRO B 12 -39.71 -19.62 -35.25
CA PRO B 12 -39.25 -19.67 -33.86
C PRO B 12 -37.80 -20.15 -33.82
N ASN B 13 -37.26 -20.41 -35.00
CA ASN B 13 -35.91 -20.92 -35.17
C ASN B 13 -34.97 -19.80 -35.59
N ALA B 14 -35.49 -18.82 -36.30
CA ALA B 14 -34.75 -17.61 -36.58
C ALA B 14 -34.73 -16.77 -35.30
N LYS B 15 -35.76 -16.97 -34.50
CA LYS B 15 -35.95 -16.23 -33.25
C LYS B 15 -34.93 -16.63 -32.20
N VAL B 16 -34.40 -17.85 -32.30
CA VAL B 16 -33.36 -18.33 -31.41
C VAL B 16 -32.01 -17.80 -31.87
N ILE B 17 -31.78 -17.89 -33.17
CA ILE B 17 -30.58 -17.36 -33.80
C ILE B 17 -30.39 -15.89 -33.44
N ARG B 18 -31.43 -15.08 -33.61
CA ARG B 18 -31.38 -13.66 -33.25
C ARG B 18 -30.99 -13.47 -31.78
N GLU B 19 -31.65 -14.21 -30.88
CA GLU B 19 -31.34 -14.14 -29.46
C GLU B 19 -29.87 -14.45 -29.18
N LEU B 20 -29.34 -15.43 -29.88
CA LEU B 20 -27.93 -15.81 -29.73
C LEU B 20 -27.00 -14.73 -30.26
N ARG B 21 -27.45 -13.99 -31.28
CA ARG B 21 -26.66 -12.87 -31.78
C ARG B 21 -26.61 -11.75 -30.75
N GLU B 22 -27.78 -11.42 -30.18
CA GLU B 22 -27.87 -10.46 -29.08
C GLU B 22 -26.93 -10.87 -27.95
N GLU B 23 -26.98 -12.15 -27.61
CA GLU B 23 -26.15 -12.75 -26.57
C GLU B 23 -24.64 -12.56 -26.85
N VAL B 24 -24.21 -12.94 -28.04
CA VAL B 24 -22.80 -12.79 -28.43
C VAL B 24 -22.36 -11.34 -28.33
N GLU B 25 -23.19 -10.43 -28.83
CA GLU B 25 -22.91 -9.01 -28.73
C GLU B 25 -22.72 -8.58 -27.26
N LYS B 26 -23.70 -8.92 -26.41
CA LYS B 26 -23.66 -8.58 -24.99
C LYS B 26 -22.36 -9.07 -24.33
N LEU B 27 -21.97 -10.31 -24.66
CA LEU B 27 -20.72 -10.86 -24.16
C LEU B 27 -19.50 -10.06 -24.65
N ARG B 28 -19.46 -9.72 -25.93
CA ARG B 28 -18.38 -8.88 -26.44
C ARG B 28 -18.25 -7.58 -25.64
N GLU B 29 -19.37 -6.91 -25.42
CA GLU B 29 -19.36 -5.63 -24.71
C GLU B 29 -18.91 -5.80 -23.26
N GLN B 30 -19.37 -6.86 -22.60
CA GLN B 30 -18.99 -7.13 -21.23
C GLN B 30 -17.50 -7.49 -21.08
N LEU B 31 -16.94 -8.16 -22.09
CA LEU B 31 -15.52 -8.49 -22.12
C LEU B 31 -14.70 -7.20 -22.27
N SER B 32 -15.09 -6.38 -23.24
CA SER B 32 -14.52 -5.05 -23.39
C SER B 32 -14.50 -4.29 -22.03
N GLN B 33 -15.65 -4.28 -21.35
CA GLN B 33 -15.81 -3.64 -20.05
C GLN B 33 -14.85 -4.18 -19.01
N ALA B 34 -14.76 -5.50 -18.95
CA ALA B 34 -13.91 -6.17 -17.97
C ALA B 34 -12.48 -5.75 -18.19
N GLU B 35 -11.99 -5.89 -19.42
CA GLU B 35 -10.61 -5.59 -19.75
C GLU B 35 -10.26 -4.13 -19.41
N ALA B 36 -11.21 -3.24 -19.70
CA ALA B 36 -11.10 -1.85 -19.30
C ALA B 36 -10.87 -1.72 -17.79
N MET B 37 -11.79 -2.28 -17.02
CA MET B 37 -11.71 -2.24 -15.57
C MET B 37 -10.39 -2.79 -15.05
N LYS B 38 -9.94 -3.90 -15.62
CA LYS B 38 -8.63 -4.45 -15.28
C LYS B 38 -7.56 -3.39 -15.44
N ALA B 39 -7.54 -2.71 -16.59
CA ALA B 39 -6.51 -1.69 -16.80
C ALA B 39 -6.61 -0.56 -15.77
N GLU B 40 -7.83 -0.07 -15.53
CA GLU B 40 -8.09 0.97 -14.51
C GLU B 40 -7.50 0.57 -13.15
N LEU B 41 -7.77 -0.67 -12.74
CA LEU B 41 -7.26 -1.16 -11.48
C LEU B 41 -5.72 -1.28 -11.48
N LYS B 42 -5.12 -1.87 -12.52
CA LYS B 42 -3.64 -1.93 -12.64
C LYS B 42 -3.06 -0.55 -12.39
N GLU B 43 -3.67 0.46 -12.99
CA GLU B 43 -3.17 1.82 -12.82
C GLU B 43 -3.31 2.39 -11.39
N LYS B 44 -4.48 2.20 -10.78
CA LYS B 44 -4.68 2.64 -9.41
C LYS B 44 -3.68 1.98 -8.46
N LEU B 45 -3.48 0.68 -8.67
CA LEU B 45 -2.53 -0.11 -7.91
C LEU B 45 -1.12 0.45 -8.04
N GLU B 46 -0.70 0.72 -9.27
CA GLU B 46 0.58 1.39 -9.52
C GLU B 46 0.71 2.61 -8.66
N GLU B 47 -0.36 3.41 -8.64
CA GLU B 47 -0.31 4.68 -7.92
C GLU B 47 -0.14 4.46 -6.44
N SER B 48 -0.86 3.49 -5.88
CA SER B 48 -0.78 3.28 -4.44
C SER B 48 0.56 2.64 -4.04
N GLU B 49 1.10 1.76 -4.86
CA GLU B 49 2.42 1.20 -4.58
C GLU B 49 3.48 2.30 -4.62
N LYS B 50 3.31 3.20 -5.59
CA LYS B 50 4.18 4.35 -5.70
C LYS B 50 4.13 5.15 -4.40
N LEU B 51 2.92 5.41 -3.92
CA LEU B 51 2.75 6.23 -2.72
C LEU B 51 3.32 5.53 -1.50
N ILE B 52 3.23 4.21 -1.48
CA ILE B 52 3.84 3.43 -0.42
C ILE B 52 5.36 3.64 -0.39
N LYS B 53 6.01 3.52 -1.55
CA LYS B 53 7.46 3.77 -1.62
C LYS B 53 7.80 5.16 -1.12
N GLU B 54 7.02 6.15 -1.56
CA GLU B 54 7.26 7.52 -1.16
C GLU B 54 7.13 7.74 0.36
N LEU B 55 6.01 7.30 0.92
CA LEU B 55 5.75 7.42 2.33
C LEU B 55 6.84 6.73 3.14
N THR B 56 7.23 5.54 2.72
CA THR B 56 8.35 4.85 3.33
C THR B 56 9.65 5.68 3.36
N VAL B 57 10.02 6.28 2.24
CA VAL B 57 11.18 7.15 2.23
C VAL B 57 11.03 8.30 3.22
N THR B 58 9.86 8.93 3.18
CA THR B 58 9.54 10.06 4.05
C THR B 58 9.73 9.68 5.52
N TRP B 59 9.17 8.53 5.89
CA TRP B 59 9.21 8.05 7.25
C TRP B 59 10.62 7.69 7.68
N GLU B 60 11.35 7.01 6.80
CA GLU B 60 12.75 6.67 7.07
C GLU B 60 13.56 7.92 7.41
N GLU B 61 13.37 8.96 6.60
CA GLU B 61 14.14 10.17 6.79
C GLU B 61 13.78 10.79 8.13
N LYS B 62 12.49 10.75 8.45
CA LYS B 62 12.02 11.34 9.69
C LYS B 62 12.62 10.65 10.92
N LEU B 63 12.54 9.32 10.88
CA LEU B 63 13.13 8.50 11.91
C LEU B 63 14.62 8.80 12.06
N ARG B 64 15.32 8.90 10.93
CA ARG B 64 16.77 9.12 10.94
C ARG B 64 17.11 10.47 11.58
N LYS B 65 16.30 11.50 11.32
CA LYS B 65 16.53 12.81 11.96
C LYS B 65 16.37 12.67 13.46
N THR B 66 15.27 12.03 13.86
CA THR B 66 14.94 12.02 15.27
C THR B 66 15.97 11.18 16.04
N GLU B 67 16.41 10.10 15.40
CA GLU B 67 17.46 9.27 15.96
C GLU B 67 18.76 10.07 16.07
N ALA B 68 19.06 10.86 15.04
CA ALA B 68 20.22 11.73 15.08
C ALA B 68 20.19 12.64 16.34
N ILE B 69 19.04 13.25 16.61
CA ILE B 69 18.90 14.11 17.79
C ILE B 69 19.08 13.37 19.14
N ALA B 70 18.38 12.24 19.27
CA ALA B 70 18.58 11.33 20.40
C ALA B 70 20.06 11.04 20.61
N GLN B 71 20.73 10.59 19.56
CA GLN B 71 22.17 10.31 19.61
C GLN B 71 23.00 11.50 20.08
N GLU B 72 22.70 12.69 19.55
CA GLU B 72 23.43 13.89 19.94
C GLU B 72 23.32 14.07 21.46
N ARG B 73 22.10 13.90 21.97
CA ARG B 73 21.86 14.15 23.38
C ARG B 73 22.57 13.13 24.26
N GLN B 74 22.49 11.87 23.86
CA GLN B 74 23.26 10.82 24.51
C GLN B 74 24.73 11.24 24.58
N ARG B 75 25.25 11.66 23.43
CA ARG B 75 26.63 12.05 23.30
C ARG B 75 27.03 13.16 24.28
N GLN B 76 26.15 14.13 24.50
CA GLN B 76 26.47 15.17 25.47
C GLN B 76 26.47 14.64 26.90
N LEU B 77 25.46 13.86 27.24
CA LEU B 77 25.43 13.19 28.56
C LEU B 77 26.73 12.44 28.80
N GLU B 78 27.19 11.78 27.74
CA GLU B 78 28.45 11.03 27.78
C GLU B 78 29.69 11.92 27.90
N SER B 79 29.67 13.08 27.24
CA SER B 79 30.74 14.07 27.38
C SER B 79 30.91 14.39 28.85
N MET B 80 29.78 14.65 29.49
CA MET B 80 29.79 14.96 30.92
C MET B 80 30.34 13.78 31.72
N GLY B 81 29.83 12.57 31.48
CA GLY B 81 30.33 11.41 32.18
C GLY B 81 31.83 11.22 32.06
N ILE B 82 32.35 11.44 30.85
CA ILE B 82 33.77 11.26 30.56
C ILE B 82 34.63 12.31 31.28
N SER B 83 34.28 13.59 31.14
CA SER B 83 35.05 14.63 31.81
C SER B 83 34.85 14.55 33.32
N LEU B 84 33.87 13.76 33.73
CA LEU B 84 33.60 13.56 35.15
C LEU B 84 34.48 12.48 35.75
N GLU B 85 34.69 11.38 35.03
CA GLU B 85 35.49 10.31 35.62
C GLU B 85 36.95 10.36 35.18
N THR B 86 37.30 11.35 34.37
CA THR B 86 38.71 11.68 34.15
C THR B 86 39.23 12.45 35.37
N SER B 87 38.30 12.80 36.24
CA SER B 87 38.60 13.43 37.53
C SER B 87 38.45 12.39 38.64
N GLY B 88 38.25 11.13 38.25
CA GLY B 88 38.12 10.02 39.18
C GLY B 88 36.92 10.07 40.11
N ILE B 89 35.71 9.93 39.56
CA ILE B 89 34.50 10.14 40.35
C ILE B 89 33.36 9.13 40.08
N LYS B 90 33.38 8.49 38.91
CA LYS B 90 32.33 7.54 38.44
C LYS B 90 30.89 8.00 38.69
#